data_3EYJ
#
_entry.id   3EYJ
#
_cell.length_a   138.765
_cell.length_b   138.765
_cell.length_c   138.765
_cell.angle_alpha   90.00
_cell.angle_beta   90.00
_cell.angle_gamma   90.00
#
_symmetry.space_group_name_H-M   'P 21 3'
#
loop_
_entity.id
_entity.type
_entity.pdbx_description
1 polymer 'Hemagglutinin HA1 chain'
2 polymer 'Hemagglutinin HA2 chain'
3 water water
#
loop_
_entity_poly.entity_id
_entity_poly.type
_entity_poly.pdbx_seq_one_letter_code
_entity_poly.pdbx_strand_id
1 'polypeptide(L)'
;GNPIICLGHHAVENGTSVKTLTDNHVEVVSAKELVETKHTDELCPSPLKLVDGQDCDLINGALGSPGCDRLQDTTWDVFI
ERPTAVDTCYPFDVPDYQSLRSILASSGSLEFIAEQFTWNGVKVDGSSSACLRGGRNSFFSRLNWLTKATNGNYGPINVT
KENTGSYVRLYLWGVHHPSSDNEQTDLYKVATGRVTVSTRSDQISIVPNIGSRPRVRNQSGRISIYWTLVNPGDSIIFNS
IGNLIAPRGHYKISKSTKSTVLKSDKRIGSCTSPCLTDKGSIQSDKPFQNVSRIAIGNCPKYVKQGSLMLATGMRNIPGK
QAK
;
A
2 'polypeptide(L)'
;GLFGAIAGFIENGWQGLIDGWYGFRHQNAEGTGTAADLKSTQAAIDQINGKLNRLIEKTNEKYHQIEKEFEQVEGRIQDL
EKYVEDTKIDLWSYNAELLVALENQHTIDVTDSEMNKLFERVRRQLRENAEDQGNGCFEIFHQCDNNCIESIRNGTYDHN
IYRDEAINNRIK
;
B
#
# COMPACT_ATOMS: atom_id res chain seq x y z
N GLY A 1 21.95 50.83 -36.74
CA GLY A 1 20.90 50.00 -36.15
C GLY A 1 20.39 48.89 -37.05
N ASN A 2 20.82 47.66 -36.76
CA ASN A 2 20.32 46.48 -37.44
C ASN A 2 19.27 45.80 -36.58
N PRO A 3 18.34 45.07 -37.21
CA PRO A 3 17.35 44.27 -36.48
C PRO A 3 18.02 43.19 -35.65
N ILE A 4 17.43 42.83 -34.52
CA ILE A 4 17.93 41.71 -33.75
C ILE A 4 16.79 40.72 -33.49
N ILE A 5 17.14 39.45 -33.30
CA ILE A 5 16.17 38.47 -32.85
C ILE A 5 16.71 37.64 -31.68
N CYS A 6 15.96 37.60 -30.59
CA CYS A 6 16.45 36.94 -29.40
C CYS A 6 15.71 35.66 -29.09
N LEU A 7 16.45 34.68 -28.59
CA LEU A 7 15.84 33.42 -28.18
C LEU A 7 15.83 33.36 -26.68
N GLY A 8 14.71 32.92 -26.14
CA GLY A 8 14.50 33.01 -24.71
C GLY A 8 13.56 31.93 -24.28
N HIS A 9 13.32 31.86 -22.98
CA HIS A 9 12.44 30.87 -22.42
C HIS A 9 11.55 31.58 -21.41
N HIS A 10 10.50 30.90 -20.95
CA HIS A 10 9.55 31.50 -20.03
C HIS A 10 9.96 31.33 -18.57
N ALA A 11 9.53 32.27 -17.73
CA ALA A 11 9.82 32.22 -16.31
C ALA A 11 8.60 32.66 -15.51
N VAL A 12 8.58 32.37 -14.21
CA VAL A 12 7.46 32.74 -13.37
C VAL A 12 7.95 33.47 -12.14
N GLU A 13 7.04 34.20 -11.48
CA GLU A 13 7.40 34.97 -10.30
C GLU A 13 7.87 34.05 -9.19
N ASN A 14 7.03 33.06 -8.86
CA ASN A 14 7.33 32.12 -7.78
C ASN A 14 7.67 30.70 -8.25
N GLY A 15 8.95 30.35 -8.21
CA GLY A 15 9.36 29.01 -8.60
C GLY A 15 9.08 27.94 -7.55
N THR A 16 9.48 26.70 -7.83
CA THR A 16 9.43 25.65 -6.82
C THR A 16 10.79 25.02 -6.68
N SER A 17 11.15 24.69 -5.44
CA SER A 17 12.47 24.17 -5.12
C SER A 17 12.52 22.66 -5.26
N VAL A 18 13.54 22.13 -5.93
CA VAL A 18 13.74 20.69 -6.04
C VAL A 18 15.18 20.30 -5.74
N LYS A 19 15.44 19.02 -5.51
CA LYS A 19 16.80 18.51 -5.31
C LYS A 19 17.33 17.87 -6.58
N THR A 20 18.65 17.94 -6.75
CA THR A 20 19.30 17.29 -7.88
C THR A 20 20.46 16.49 -7.32
N LEU A 21 21.29 15.92 -8.18
CA LEU A 21 22.47 15.19 -7.74
C LEU A 21 23.51 16.08 -7.05
N THR A 22 23.51 17.37 -7.36
CA THR A 22 24.53 18.26 -6.85
C THR A 22 23.99 19.37 -5.94
N ASP A 23 22.67 19.57 -5.99
CA ASP A 23 22.07 20.69 -5.28
C ASP A 23 20.80 20.32 -4.50
N ASN A 24 20.72 20.80 -3.26
CA ASN A 24 19.59 20.57 -2.39
C ASN A 24 18.39 21.45 -2.75
N HIS A 25 18.67 22.61 -3.31
CA HIS A 25 17.66 23.65 -3.43
C HIS A 25 17.95 24.22 -4.82
N VAL A 26 17.05 23.98 -5.76
CA VAL A 26 17.21 24.49 -7.11
C VAL A 26 15.81 24.92 -7.47
N GLU A 27 15.70 26.13 -8.00
CA GLU A 27 14.40 26.67 -8.30
C GLU A 27 14.04 26.39 -9.76
N VAL A 28 12.95 25.66 -9.95
CA VAL A 28 12.38 25.42 -11.25
C VAL A 28 10.98 26.00 -11.41
N VAL A 29 10.54 26.07 -12.65
CA VAL A 29 9.27 26.67 -12.99
C VAL A 29 8.07 25.87 -12.44
N SER A 30 8.18 24.55 -12.40
CA SER A 30 7.07 23.72 -11.90
C SER A 30 7.54 22.36 -11.42
N ALA A 31 6.79 21.76 -10.52
CA ALA A 31 7.19 20.47 -9.97
C ALA A 31 5.98 19.75 -9.46
N LYS A 32 6.05 18.43 -9.37
CA LYS A 32 4.94 17.67 -8.83
C LYS A 32 5.43 16.81 -7.66
N GLU A 33 4.63 16.80 -6.58
CA GLU A 33 4.91 16.06 -5.37
C GLU A 33 4.67 14.56 -5.58
N LEU A 34 5.64 13.73 -5.25
CA LEU A 34 5.50 12.29 -5.51
C LEU A 34 5.22 11.48 -4.24
N VAL A 35 5.22 12.14 -3.09
CA VAL A 35 4.97 11.48 -1.81
C VAL A 35 3.59 11.85 -1.30
N GLU A 36 2.69 10.87 -1.25
CA GLU A 36 1.35 11.11 -0.77
C GLU A 36 1.35 11.25 0.75
N THR A 37 0.79 12.34 1.24
CA THR A 37 0.74 12.59 2.65
C THR A 37 -0.62 12.62 3.26
N LYS A 38 -1.66 12.76 2.46
CA LYS A 38 -3.00 12.83 3.02
C LYS A 38 -3.76 11.51 2.88
N HIS A 39 -4.76 11.31 3.74
CA HIS A 39 -5.61 10.14 3.71
C HIS A 39 -7.04 10.54 4.10
N THR A 40 -8.02 9.68 3.81
CA THR A 40 -9.43 10.02 3.99
C THR A 40 -9.95 10.08 5.43
N ASP A 41 -9.30 9.37 6.34
CA ASP A 41 -9.81 9.28 7.72
C ASP A 41 -10.94 8.26 7.94
N GLU A 42 -11.64 7.90 6.87
CA GLU A 42 -12.54 6.75 6.94
C GLU A 42 -12.01 5.62 6.04
N LEU A 43 -12.32 4.38 6.37
CA LEU A 43 -11.98 3.26 5.51
C LEU A 43 -13.02 3.14 4.39
N CYS A 44 -12.55 3.19 3.14
CA CYS A 44 -13.43 3.13 2.00
C CYS A 44 -13.89 1.71 1.73
N PRO A 45 -15.21 1.49 1.67
CA PRO A 45 -15.83 0.16 1.48
C PRO A 45 -15.83 -0.29 0.02
N SER A 46 -15.20 0.48 -0.85
CA SER A 46 -15.10 0.07 -2.24
C SER A 46 -13.74 0.47 -2.76
N PRO A 47 -13.14 -0.36 -3.62
CA PRO A 47 -13.76 -1.59 -4.13
C PRO A 47 -13.49 -2.85 -3.30
N LEU A 48 -12.72 -2.76 -2.22
CA LEU A 48 -12.44 -3.95 -1.42
C LEU A 48 -13.63 -4.31 -0.55
N LYS A 49 -13.87 -5.61 -0.38
CA LYS A 49 -14.97 -6.06 0.45
C LYS A 49 -14.54 -6.07 1.93
N LEU A 50 -15.19 -5.25 2.75
CA LEU A 50 -14.82 -5.14 4.14
C LEU A 50 -15.82 -5.84 5.07
N VAL A 51 -15.31 -6.40 6.16
CA VAL A 51 -16.15 -6.93 7.20
C VAL A 51 -15.61 -6.40 8.52
N ASP A 52 -16.43 -5.64 9.24
CA ASP A 52 -15.99 -4.97 10.47
C ASP A 52 -16.21 -5.83 11.71
N GLY A 53 -15.13 -6.34 12.31
CA GLY A 53 -15.26 -7.19 13.49
C GLY A 53 -16.02 -6.54 14.64
N GLN A 54 -16.01 -5.20 14.70
CA GLN A 54 -16.66 -4.46 15.76
C GLN A 54 -16.14 -4.89 17.13
N ASP A 55 -16.94 -5.61 17.91
CA ASP A 55 -16.50 -6.00 19.23
C ASP A 55 -15.96 -7.43 19.29
N CYS A 56 -15.96 -8.13 18.16
CA CYS A 56 -15.27 -9.42 18.05
C CYS A 56 -14.01 -9.29 17.24
N ASP A 57 -12.93 -9.87 17.72
CA ASP A 57 -11.78 -10.08 16.86
C ASP A 57 -11.99 -11.35 15.99
N LEU A 58 -11.08 -11.62 15.07
CA LEU A 58 -11.28 -12.69 14.10
C LEU A 58 -11.38 -14.10 14.72
N ILE A 59 -10.55 -14.38 15.70
CA ILE A 59 -10.57 -15.71 16.31
C ILE A 59 -11.85 -15.92 17.14
N ASN A 60 -12.19 -14.96 17.98
CA ASN A 60 -13.47 -15.01 18.66
C ASN A 60 -14.61 -15.18 17.67
N GLY A 61 -14.48 -14.56 16.50
CA GLY A 61 -15.47 -14.71 15.45
C GLY A 61 -15.50 -16.13 14.92
N ALA A 62 -14.33 -16.75 14.80
CA ALA A 62 -14.26 -18.11 14.30
C ALA A 62 -14.74 -19.16 15.33
N LEU A 63 -14.53 -18.87 16.61
CA LEU A 63 -14.96 -19.80 17.64
C LEU A 63 -16.46 -19.73 17.90
N GLY A 64 -17.04 -18.55 17.68
CA GLY A 64 -18.46 -18.36 17.89
C GLY A 64 -18.77 -17.81 19.27
N SER A 65 -18.08 -16.75 19.68
CA SER A 65 -18.31 -16.17 21.00
C SER A 65 -19.55 -15.29 21.01
N PRO A 66 -20.15 -15.10 22.19
CA PRO A 66 -21.41 -14.40 22.38
C PRO A 66 -21.62 -13.11 21.58
N GLY A 67 -20.62 -12.26 21.44
CA GLY A 67 -20.83 -11.07 20.62
C GLY A 67 -20.67 -11.23 19.10
N CYS A 68 -20.31 -12.42 18.65
CA CYS A 68 -19.85 -12.58 17.26
C CYS A 68 -20.86 -13.12 16.25
N ASP A 69 -22.12 -13.23 16.62
CA ASP A 69 -23.09 -13.92 15.75
C ASP A 69 -23.36 -13.26 14.41
N ARG A 70 -23.23 -11.97 14.31
CA ARG A 70 -23.25 -11.34 13.04
C ARG A 70 -22.03 -11.74 12.23
N LEU A 71 -21.07 -12.51 12.78
CA LEU A 71 -19.84 -12.75 12.07
C LEU A 71 -20.00 -14.06 11.36
N GLN A 72 -21.22 -14.55 11.27
CA GLN A 72 -21.38 -15.86 10.65
C GLN A 72 -21.56 -15.75 9.14
N ASP A 73 -20.91 -16.64 8.40
CA ASP A 73 -21.04 -16.70 6.95
C ASP A 73 -20.49 -15.48 6.26
N THR A 74 -19.73 -14.70 6.98
CA THR A 74 -19.16 -13.50 6.39
C THR A 74 -17.97 -13.79 5.54
N THR A 75 -17.78 -12.96 4.53
CA THR A 75 -16.62 -13.05 3.67
C THR A 75 -16.00 -11.70 3.41
N TRP A 76 -14.72 -11.67 3.14
CA TRP A 76 -14.07 -10.38 3.03
C TRP A 76 -12.81 -10.40 2.18
N ASP A 77 -12.49 -9.24 1.64
CA ASP A 77 -11.14 -8.96 1.17
C ASP A 77 -10.30 -8.54 2.38
N VAL A 78 -10.85 -7.69 3.24
CA VAL A 78 -10.16 -7.27 4.46
C VAL A 78 -11.10 -7.33 5.65
N PHE A 79 -10.72 -8.11 6.65
CA PHE A 79 -11.41 -8.15 7.93
C PHE A 79 -10.82 -7.06 8.84
N ILE A 80 -11.68 -6.28 9.50
CA ILE A 80 -11.22 -5.20 10.36
C ILE A 80 -11.36 -5.49 11.85
N GLU A 81 -10.23 -5.68 12.52
CA GLU A 81 -10.24 -5.84 13.96
C GLU A 81 -10.16 -4.49 14.68
N ARG A 82 -11.01 -4.33 15.69
CA ARG A 82 -11.10 -3.09 16.46
C ARG A 82 -10.36 -3.20 17.78
N PRO A 83 -9.87 -2.06 18.30
CA PRO A 83 -9.15 -2.03 19.57
C PRO A 83 -10.14 -2.18 20.72
N THR A 84 -11.42 -2.11 20.41
CA THR A 84 -12.46 -2.25 21.43
C THR A 84 -12.99 -3.69 21.54
N ALA A 85 -12.46 -4.59 20.71
CA ALA A 85 -12.92 -5.97 20.74
C ALA A 85 -12.65 -6.56 22.12
N VAL A 86 -13.61 -7.34 22.62
CA VAL A 86 -13.50 -7.94 23.95
C VAL A 86 -13.74 -9.45 23.96
N ASP A 87 -13.15 -10.15 24.94
CA ASP A 87 -13.50 -11.54 25.16
C ASP A 87 -14.84 -11.60 25.90
N THR A 88 -15.65 -12.62 25.61
CA THR A 88 -17.00 -12.69 26.17
C THR A 88 -17.37 -14.11 26.60
N CYS A 89 -16.45 -15.05 26.38
CA CYS A 89 -16.73 -16.45 26.63
C CYS A 89 -15.77 -17.01 27.65
N TYR A 90 -15.88 -18.32 27.90
CA TYR A 90 -14.92 -19.03 28.74
C TYR A 90 -13.46 -18.67 28.40
N PRO A 91 -12.65 -18.37 29.41
CA PRO A 91 -11.28 -17.93 29.10
C PRO A 91 -10.52 -19.02 28.35
N PHE A 92 -9.85 -18.67 27.26
CA PHE A 92 -9.10 -19.62 26.46
C PHE A 92 -7.77 -19.02 26.01
N ASP A 93 -6.85 -19.87 25.58
CA ASP A 93 -5.61 -19.40 24.95
C ASP A 93 -5.36 -20.23 23.71
N VAL A 94 -4.64 -19.65 22.76
CA VAL A 94 -4.34 -20.33 21.51
C VAL A 94 -2.83 -20.40 21.28
N PRO A 95 -2.25 -21.60 21.40
CA PRO A 95 -0.85 -21.74 21.01
C PRO A 95 -0.65 -21.33 19.55
N ASP A 96 0.38 -20.53 19.28
CA ASP A 96 0.57 -19.89 17.98
C ASP A 96 -0.71 -19.22 17.48
N TYR A 97 -1.29 -18.44 18.38
CA TYR A 97 -2.50 -17.65 18.12
C TYR A 97 -2.37 -16.92 16.79
N GLN A 98 -1.21 -16.33 16.58
CA GLN A 98 -0.94 -15.50 15.42
C GLN A 98 -1.10 -16.26 14.11
N SER A 99 -0.74 -17.54 14.10
CA SER A 99 -0.83 -18.34 12.88
C SER A 99 -2.27 -18.75 12.57
N LEU A 100 -3.06 -19.04 13.60
CA LEU A 100 -4.47 -19.31 13.40
C LEU A 100 -5.15 -18.04 12.89
N ARG A 101 -4.78 -16.89 13.47
CA ARG A 101 -5.32 -15.61 13.03
C ARG A 101 -4.93 -15.37 11.57
N SER A 102 -3.70 -15.72 11.22
CA SER A 102 -3.23 -15.47 9.87
C SER A 102 -3.91 -16.38 8.86
N ILE A 103 -4.14 -17.62 9.25
CA ILE A 103 -4.77 -18.61 8.38
C ILE A 103 -6.23 -18.27 8.12
N LEU A 104 -6.94 -17.85 9.17
CA LEU A 104 -8.29 -17.34 9.01
C LEU A 104 -8.33 -16.10 8.11
N ALA A 105 -7.56 -15.09 8.47
CA ALA A 105 -7.60 -13.83 7.75
C ALA A 105 -7.49 -14.11 6.27
N SER A 106 -6.58 -15.01 5.94
CA SER A 106 -6.23 -15.26 4.56
C SER A 106 -7.31 -16.05 3.79
N SER A 107 -8.02 -16.94 4.46
CA SER A 107 -9.10 -17.69 3.83
C SER A 107 -10.28 -16.76 3.47
N GLY A 108 -10.40 -15.66 4.22
CA GLY A 108 -11.35 -14.61 3.87
C GLY A 108 -12.79 -14.97 4.09
N SER A 109 -13.04 -15.94 4.97
CA SER A 109 -14.38 -16.47 5.15
C SER A 109 -14.66 -16.98 6.55
N LEU A 110 -15.84 -16.67 7.04
CA LEU A 110 -16.28 -17.21 8.30
C LEU A 110 -17.51 -18.05 8.06
N GLU A 111 -17.64 -18.59 6.85
CA GLU A 111 -18.78 -19.42 6.53
C GLU A 111 -18.52 -20.88 6.97
N PHE A 112 -19.03 -21.21 8.16
CA PHE A 112 -18.82 -22.50 8.81
C PHE A 112 -19.53 -23.63 8.09
N ILE A 113 -18.84 -24.74 7.85
CA ILE A 113 -19.51 -25.92 7.30
C ILE A 113 -19.88 -26.88 8.43
N ALA A 114 -21.17 -26.90 8.74
CA ALA A 114 -21.66 -27.65 9.90
C ALA A 114 -21.66 -29.16 9.64
N GLU A 115 -21.22 -29.91 10.64
CA GLU A 115 -21.24 -31.35 10.51
C GLU A 115 -22.01 -31.99 11.68
N GLN A 116 -22.62 -33.14 11.42
CA GLN A 116 -23.18 -33.97 12.48
C GLN A 116 -22.12 -34.89 13.05
N PHE A 117 -21.96 -34.90 14.37
CA PHE A 117 -21.06 -35.87 15.01
C PHE A 117 -21.83 -36.76 15.98
N THR A 118 -21.38 -38.00 16.13
CA THR A 118 -21.92 -38.85 17.19
C THR A 118 -20.90 -39.08 18.29
N TRP A 119 -21.01 -38.26 19.33
CA TRP A 119 -20.14 -38.42 20.49
C TRP A 119 -20.77 -39.44 21.44
N ASN A 120 -20.30 -40.68 21.37
CA ASN A 120 -20.89 -41.75 22.15
C ASN A 120 -20.37 -41.78 23.57
N GLY A 121 -21.27 -41.65 24.53
CA GLY A 121 -20.94 -41.87 25.92
C GLY A 121 -20.59 -40.63 26.71
N VAL A 122 -21.15 -39.49 26.32
CA VAL A 122 -20.89 -38.24 27.03
C VAL A 122 -22.13 -37.38 26.99
N LYS A 123 -22.24 -36.48 27.96
CA LYS A 123 -23.16 -35.36 27.86
C LYS A 123 -22.62 -34.38 26.83
N VAL A 124 -23.49 -33.63 26.13
CA VAL A 124 -23.07 -32.65 25.07
C VAL A 124 -23.56 -31.20 25.24
N ASP A 125 -23.04 -30.19 24.51
CA ASP A 125 -23.59 -28.85 24.59
C ASP A 125 -23.40 -28.28 25.99
N GLY A 126 -22.24 -28.51 26.60
CA GLY A 126 -22.01 -27.93 27.92
C GLY A 126 -22.10 -26.43 27.79
N SER A 127 -22.26 -25.74 28.92
CA SER A 127 -22.38 -24.29 28.89
C SER A 127 -21.75 -23.72 30.15
N SER A 128 -21.63 -22.40 30.19
CA SER A 128 -20.90 -21.77 31.29
C SER A 128 -21.42 -20.37 31.56
N SER A 129 -21.37 -19.97 32.83
CA SER A 129 -21.73 -18.61 33.23
C SER A 129 -20.63 -17.61 32.86
N ALA A 130 -19.48 -18.11 32.42
CA ALA A 130 -18.41 -17.26 31.92
C ALA A 130 -18.65 -16.88 30.45
N CYS A 131 -19.66 -17.50 29.85
CA CYS A 131 -19.98 -17.26 28.44
C CYS A 131 -21.50 -17.09 28.40
N LEU A 132 -21.98 -15.85 28.47
CA LEU A 132 -23.41 -15.59 28.59
C LEU A 132 -23.90 -15.13 27.23
N ARG A 133 -25.00 -15.72 26.78
CA ARG A 133 -25.71 -15.21 25.62
C ARG A 133 -27.12 -14.84 26.08
N GLY A 134 -27.47 -13.57 25.94
CA GLY A 134 -28.78 -13.10 26.35
C GLY A 134 -29.10 -13.38 27.80
N GLY A 135 -28.07 -13.34 28.64
CA GLY A 135 -28.24 -13.51 30.07
C GLY A 135 -28.19 -14.94 30.55
N ARG A 136 -28.27 -15.88 29.64
CA ARG A 136 -28.28 -17.28 29.97
C ARG A 136 -26.95 -17.94 29.64
N ASN A 137 -26.58 -19.01 30.31
CA ASN A 137 -25.35 -19.71 29.98
C ASN A 137 -25.21 -20.22 28.56
N SER A 138 -24.02 -20.16 27.99
CA SER A 138 -23.90 -20.53 26.59
C SER A 138 -22.47 -20.87 26.19
N PHE A 139 -22.17 -21.10 24.94
CA PHE A 139 -20.81 -21.56 24.68
C PHE A 139 -20.34 -21.24 23.29
N PHE A 140 -19.05 -21.37 23.01
CA PHE A 140 -18.69 -21.05 21.64
C PHE A 140 -19.65 -21.79 20.72
N SER A 141 -20.35 -21.04 19.88
CA SER A 141 -21.34 -21.61 18.96
C SER A 141 -20.78 -22.68 18.03
N ARG A 142 -19.46 -22.68 17.81
CA ARG A 142 -18.80 -23.67 16.94
C ARG A 142 -18.13 -24.80 17.72
N LEU A 143 -18.13 -24.73 19.04
CA LEU A 143 -17.55 -25.81 19.83
C LEU A 143 -18.58 -26.55 20.67
N ASN A 144 -18.27 -27.79 20.99
CA ASN A 144 -19.18 -28.67 21.69
C ASN A 144 -18.57 -29.12 23.01
N TRP A 145 -19.05 -28.58 24.13
CA TRP A 145 -18.54 -28.98 25.44
C TRP A 145 -19.07 -30.33 25.92
N LEU A 146 -18.25 -31.37 25.78
CA LEU A 146 -18.60 -32.70 26.24
C LEU A 146 -18.27 -32.92 27.73
N THR A 147 -19.18 -33.59 28.45
CA THR A 147 -18.88 -34.06 29.81
C THR A 147 -19.32 -35.51 29.98
N LYS A 148 -18.98 -36.10 31.11
CA LYS A 148 -19.33 -37.49 31.36
C LYS A 148 -20.84 -37.70 31.35
N ALA A 149 -21.25 -38.90 30.92
CA ALA A 149 -22.67 -39.23 30.83
C ALA A 149 -23.31 -39.14 32.20
N THR A 150 -24.52 -38.60 32.27
CA THR A 150 -25.15 -38.31 33.54
C THR A 150 -26.04 -39.42 34.04
N ASN A 151 -24.87 -39.59 35.17
CA ASN A 151 -24.13 -40.20 36.27
C ASN A 151 -23.31 -41.36 35.91
N GLY A 152 -22.45 -41.29 34.91
CA GLY A 152 -21.60 -42.41 34.50
C GLY A 152 -20.49 -41.94 33.53
N ASN A 153 -19.87 -42.77 32.94
CA ASN A 153 -18.51 -42.78 32.42
C ASN A 153 -18.41 -41.79 31.26
N TYR A 154 -17.18 -41.38 30.98
CA TYR A 154 -16.90 -40.54 29.82
C TYR A 154 -16.58 -41.55 28.72
N GLY A 155 -17.62 -42.21 28.21
CA GLY A 155 -17.47 -43.27 27.24
C GLY A 155 -16.44 -42.83 26.24
N PRO A 156 -15.41 -43.66 25.99
CA PRO A 156 -14.24 -43.20 25.23
C PRO A 156 -14.64 -42.67 23.86
N ILE A 157 -13.98 -41.60 23.42
CA ILE A 157 -14.33 -40.98 22.15
C ILE A 157 -13.37 -41.38 21.01
N ASN A 158 -13.95 -41.78 19.89
CA ASN A 158 -13.17 -42.20 18.74
C ASN A 158 -14.12 -41.97 17.57
N VAL A 159 -14.11 -40.74 17.07
CA VAL A 159 -14.95 -40.31 15.99
C VAL A 159 -14.06 -39.97 14.83
N THR A 160 -14.48 -40.24 13.60
CA THR A 160 -13.61 -39.92 12.49
C THR A 160 -14.42 -39.24 11.41
N LYS A 161 -13.81 -38.28 10.72
CA LYS A 161 -14.43 -37.70 9.55
C LYS A 161 -13.50 -37.81 8.34
N GLU A 162 -14.05 -38.23 7.21
CA GLU A 162 -13.26 -38.35 6.00
C GLU A 162 -13.51 -37.13 5.11
N ASN A 163 -12.44 -36.45 4.72
CA ASN A 163 -12.56 -35.37 3.75
C ASN A 163 -12.80 -35.91 2.34
N THR A 164 -14.10 -35.92 1.98
CA THR A 164 -14.61 -36.46 0.74
C THR A 164 -14.67 -35.37 -0.33
N GLY A 165 -14.48 -34.13 0.09
CA GLY A 165 -14.66 -32.99 -0.79
C GLY A 165 -13.38 -32.59 -1.49
N SER A 166 -13.39 -31.42 -2.10
CA SER A 166 -12.28 -30.97 -2.93
C SER A 166 -11.45 -29.88 -2.29
N TYR A 167 -11.82 -29.48 -1.08
CA TYR A 167 -11.10 -28.39 -0.41
C TYR A 167 -10.49 -28.86 0.90
N VAL A 168 -9.54 -28.09 1.40
CA VAL A 168 -8.86 -28.41 2.65
C VAL A 168 -9.74 -27.94 3.79
N ARG A 169 -10.01 -28.82 4.75
CA ARG A 169 -10.85 -28.46 5.87
C ARG A 169 -9.99 -28.00 7.00
N LEU A 170 -10.47 -27.00 7.73
CA LEU A 170 -9.82 -26.54 8.95
C LEU A 170 -10.72 -26.81 10.14
N TYR A 171 -10.27 -27.67 11.05
CA TYR A 171 -11.03 -28.00 12.24
C TYR A 171 -10.56 -27.28 13.50
N LEU A 172 -11.49 -26.57 14.15
CA LEU A 172 -11.24 -25.93 15.44
C LEU A 172 -11.74 -26.79 16.60
N TRP A 173 -10.85 -27.11 17.52
CA TRP A 173 -11.21 -27.92 18.65
C TRP A 173 -10.37 -27.45 19.80
N GLY A 174 -10.64 -27.91 21.01
CA GLY A 174 -9.91 -27.44 22.17
C GLY A 174 -9.72 -28.50 23.23
N VAL A 175 -9.14 -28.09 24.35
CA VAL A 175 -8.87 -28.97 25.48
C VAL A 175 -9.17 -28.22 26.78
N HIS A 176 -9.94 -28.82 27.67
CA HIS A 176 -10.26 -28.13 28.91
C HIS A 176 -9.27 -28.38 30.05
N HIS A 177 -8.68 -27.31 30.55
CA HIS A 177 -7.77 -27.39 31.69
C HIS A 177 -8.52 -26.98 32.96
N PRO A 178 -8.87 -27.98 33.80
CA PRO A 178 -9.66 -27.75 35.00
C PRO A 178 -8.87 -27.08 36.14
N SER A 179 -9.58 -26.38 37.01
CA SER A 179 -8.91 -25.71 38.13
C SER A 179 -8.71 -26.60 39.37
N SER A 180 -9.18 -27.84 39.33
CA SER A 180 -8.97 -28.76 40.44
C SER A 180 -9.26 -30.23 40.11
N ASP A 181 -8.86 -31.10 41.03
CA ASP A 181 -9.10 -32.52 40.86
C ASP A 181 -10.60 -32.82 40.93
N ASN A 182 -11.31 -32.08 41.78
CA ASN A 182 -12.75 -32.22 41.87
C ASN A 182 -13.41 -31.94 40.53
N GLU A 183 -13.11 -30.77 39.96
CA GLU A 183 -13.70 -30.38 38.69
C GLU A 183 -13.40 -31.45 37.63
N GLN A 184 -12.15 -31.88 37.56
CA GLN A 184 -11.77 -32.91 36.59
C GLN A 184 -12.70 -34.13 36.67
N THR A 185 -12.76 -34.73 37.86
CA THR A 185 -13.58 -35.93 38.03
C THR A 185 -15.09 -35.65 37.91
N ASP A 186 -15.55 -34.55 38.47
CA ASP A 186 -16.97 -34.20 38.37
C ASP A 186 -17.39 -34.13 36.90
N LEU A 187 -16.42 -33.75 36.06
CA LEU A 187 -16.69 -33.48 34.65
C LEU A 187 -16.35 -34.65 33.74
N TYR A 188 -15.19 -35.28 33.97
CA TYR A 188 -14.71 -36.29 33.04
C TYR A 188 -14.44 -37.65 33.70
N LYS A 189 -14.73 -37.73 35.01
CA LYS A 189 -14.58 -38.96 35.78
C LYS A 189 -13.12 -39.34 35.98
N VAL A 190 -12.43 -39.64 34.89
CA VAL A 190 -11.01 -39.92 34.87
C VAL A 190 -10.22 -38.86 35.62
N ALA A 191 -9.07 -39.23 36.18
CA ALA A 191 -8.25 -38.29 36.94
C ALA A 191 -7.36 -37.48 36.02
N THR A 192 -7.08 -38.02 34.85
CA THR A 192 -6.27 -37.34 33.86
C THR A 192 -6.85 -37.56 32.48
N GLY A 193 -7.21 -36.47 31.81
CA GLY A 193 -7.79 -36.56 30.50
C GLY A 193 -6.71 -36.73 29.44
N ARG A 194 -7.15 -36.82 28.20
CA ARG A 194 -6.23 -36.94 27.08
C ARG A 194 -7.01 -36.70 25.79
N VAL A 195 -6.47 -35.85 24.94
CA VAL A 195 -7.08 -35.57 23.66
C VAL A 195 -6.04 -35.74 22.57
N THR A 196 -6.30 -36.64 21.63
CA THR A 196 -5.40 -36.83 20.50
C THR A 196 -6.14 -36.61 19.17
N VAL A 197 -5.71 -35.62 18.39
CA VAL A 197 -6.31 -35.36 17.08
C VAL A 197 -5.30 -35.63 15.95
N SER A 198 -5.70 -36.42 14.97
CA SER A 198 -4.75 -36.85 13.94
C SER A 198 -5.34 -37.08 12.56
N THR A 199 -4.50 -36.85 11.57
CA THR A 199 -4.80 -37.23 10.21
C THR A 199 -3.69 -38.18 9.82
N ARG A 200 -3.74 -38.70 8.60
CA ARG A 200 -2.69 -39.59 8.15
C ARG A 200 -1.25 -39.11 8.26
N SER A 201 -1.05 -37.81 8.09
CA SER A 201 0.31 -37.26 7.99
C SER A 201 0.72 -36.33 9.15
N ASP A 202 -0.22 -35.89 9.97
CA ASP A 202 0.13 -35.06 11.12
C ASP A 202 -0.73 -35.38 12.34
N GLN A 203 -0.34 -35.01 13.55
CA GLN A 203 -1.07 -35.39 14.80
C GLN A 203 -0.87 -34.58 16.09
N ILE A 204 -1.80 -34.55 17.08
CA ILE A 204 -1.67 -33.53 18.11
C ILE A 204 -2.14 -34.08 19.42
N SER A 205 -1.23 -34.35 20.35
CA SER A 205 -1.74 -35.05 21.53
C SER A 205 -1.51 -34.25 22.82
N ILE A 206 -2.59 -33.98 23.56
CA ILE A 206 -2.52 -33.10 24.71
C ILE A 206 -3.01 -33.74 25.99
N VAL A 207 -2.26 -33.53 27.07
CA VAL A 207 -2.70 -33.93 28.40
C VAL A 207 -3.06 -32.67 29.16
N PRO A 208 -4.32 -32.55 29.59
CA PRO A 208 -4.71 -31.32 30.29
C PRO A 208 -3.95 -31.19 31.61
N ASN A 209 -3.71 -29.96 32.04
CA ASN A 209 -3.12 -29.75 33.36
C ASN A 209 -4.06 -29.03 34.32
N ILE A 210 -4.09 -29.52 35.55
CA ILE A 210 -5.02 -29.08 36.57
C ILE A 210 -4.35 -28.12 37.55
N GLY A 211 -4.92 -26.94 37.73
CA GLY A 211 -4.39 -25.95 38.64
C GLY A 211 -5.18 -24.66 38.66
N SER A 212 -4.73 -23.70 39.45
CA SER A 212 -5.40 -22.41 39.50
C SER A 212 -4.76 -21.41 38.53
N ARG A 213 -5.60 -20.76 37.73
CA ARG A 213 -5.22 -19.58 36.94
C ARG A 213 -6.06 -18.40 37.40
N PRO A 214 -5.55 -17.17 37.22
CA PRO A 214 -6.35 -16.00 37.62
C PRO A 214 -7.80 -16.10 37.12
N ARG A 215 -8.74 -15.71 37.98
CA ARG A 215 -10.16 -15.74 37.63
C ARG A 215 -10.48 -14.80 36.47
N VAL A 216 -11.13 -15.34 35.45
CA VAL A 216 -11.65 -14.55 34.37
C VAL A 216 -13.10 -14.83 34.24
N ARG A 217 -13.93 -13.83 34.31
CA ARG A 217 -15.34 -14.04 34.24
C ARG A 217 -15.70 -15.14 35.21
N ASN A 218 -15.04 -15.09 36.35
CA ASN A 218 -15.26 -16.00 37.49
C ASN A 218 -14.70 -17.40 37.29
N GLN A 219 -14.05 -17.61 36.16
CA GLN A 219 -13.51 -18.92 35.84
C GLN A 219 -12.01 -18.99 36.04
N SER A 220 -11.57 -20.09 36.64
CA SER A 220 -10.18 -20.28 36.96
C SER A 220 -9.54 -21.36 36.07
N GLY A 221 -10.39 -22.05 35.32
CA GLY A 221 -9.90 -23.00 34.33
C GLY A 221 -9.59 -22.30 33.03
N ARG A 222 -9.14 -23.06 32.04
CA ARG A 222 -8.90 -22.52 30.72
C ARG A 222 -9.29 -23.53 29.66
N ILE A 223 -9.45 -23.05 28.43
CA ILE A 223 -9.54 -23.94 27.29
C ILE A 223 -8.42 -23.58 26.31
N SER A 224 -7.70 -24.59 25.85
CA SER A 224 -6.67 -24.40 24.87
C SER A 224 -7.22 -24.77 23.51
N ILE A 225 -7.15 -23.83 22.57
CA ILE A 225 -7.68 -24.00 21.22
C ILE A 225 -6.59 -24.50 20.27
N TYR A 226 -6.91 -25.56 19.53
CA TYR A 226 -5.97 -26.12 18.57
C TYR A 226 -6.68 -26.19 17.25
N TRP A 227 -5.91 -26.47 16.19
CA TRP A 227 -6.51 -26.61 14.88
C TRP A 227 -5.82 -27.71 14.06
N THR A 228 -6.58 -28.32 13.17
CA THR A 228 -6.06 -29.38 12.33
C THR A 228 -6.59 -29.20 10.93
N LEU A 229 -5.71 -29.28 9.95
CA LEU A 229 -6.12 -29.20 8.55
C LEU A 229 -6.27 -30.60 8.00
N VAL A 230 -7.13 -30.76 7.00
CA VAL A 230 -7.32 -32.07 6.41
C VAL A 230 -7.47 -31.98 4.90
N ASN A 231 -6.49 -32.52 4.19
CA ASN A 231 -6.53 -32.51 2.73
C ASN A 231 -7.63 -33.38 2.16
N PRO A 232 -8.05 -33.09 0.93
CA PRO A 232 -8.93 -34.04 0.26
C PRO A 232 -8.35 -35.46 0.35
N GLY A 233 -9.19 -36.43 0.69
CA GLY A 233 -8.77 -37.82 0.70
C GLY A 233 -8.30 -38.30 2.05
N ASP A 234 -7.91 -37.37 2.91
CA ASP A 234 -7.37 -37.73 4.23
C ASP A 234 -8.48 -37.84 5.26
N SER A 235 -8.17 -38.34 6.44
CA SER A 235 -9.17 -38.43 7.48
C SER A 235 -8.63 -37.85 8.77
N ILE A 236 -9.54 -37.31 9.59
CA ILE A 236 -9.17 -36.84 10.92
C ILE A 236 -9.88 -37.69 11.95
N ILE A 237 -9.18 -38.05 13.03
CA ILE A 237 -9.79 -38.76 14.15
C ILE A 237 -9.68 -37.95 15.43
N PHE A 238 -10.78 -37.89 16.17
CA PHE A 238 -10.78 -37.30 17.51
C PHE A 238 -10.86 -38.44 18.52
N ASN A 239 -9.78 -38.58 19.29
CA ASN A 239 -9.66 -39.65 20.26
C ASN A 239 -9.46 -39.03 21.63
N SER A 240 -10.34 -39.34 22.56
CA SER A 240 -10.29 -38.70 23.88
C SER A 240 -10.98 -39.50 24.96
N ILE A 241 -10.29 -39.61 26.10
CA ILE A 241 -10.86 -40.25 27.28
C ILE A 241 -11.24 -39.18 28.30
N GLY A 242 -11.12 -37.92 27.89
CA GLY A 242 -11.51 -36.81 28.73
C GLY A 242 -11.01 -35.46 28.23
N ASN A 243 -11.78 -34.43 28.56
CA ASN A 243 -11.42 -33.02 28.38
C ASN A 243 -11.42 -32.51 26.94
N LEU A 244 -11.98 -33.30 26.04
CA LEU A 244 -12.09 -32.85 24.65
C LEU A 244 -13.12 -31.73 24.55
N ILE A 245 -12.70 -30.60 23.99
CA ILE A 245 -13.64 -29.59 23.55
C ILE A 245 -13.84 -29.82 22.06
N ALA A 246 -15.03 -30.27 21.69
CA ALA A 246 -15.25 -30.85 20.37
C ALA A 246 -15.74 -29.85 19.33
N PRO A 247 -15.47 -30.15 18.06
CA PRO A 247 -15.90 -29.31 16.94
C PRO A 247 -17.33 -29.60 16.50
N ARG A 248 -17.98 -28.64 15.85
CA ARG A 248 -19.31 -28.83 15.28
C ARG A 248 -19.25 -28.84 13.74
N GLY A 249 -18.05 -28.98 13.20
CA GLY A 249 -17.85 -28.86 11.77
C GLY A 249 -16.54 -28.19 11.46
N HIS A 250 -16.42 -27.58 10.29
CA HIS A 250 -15.13 -27.08 9.85
C HIS A 250 -15.26 -25.86 8.93
N TYR A 251 -14.14 -25.17 8.72
CA TYR A 251 -14.09 -24.04 7.77
C TYR A 251 -13.39 -24.47 6.48
N LYS A 252 -13.71 -23.78 5.39
CA LYS A 252 -13.02 -24.03 4.13
C LYS A 252 -11.79 -23.14 3.93
N ILE A 253 -10.63 -23.77 3.74
CA ILE A 253 -9.42 -23.05 3.37
C ILE A 253 -9.36 -22.88 1.85
N SER A 254 -9.39 -21.67 1.54
CA SER A 254 -8.84 -21.34 0.22
C SER A 254 -7.31 -20.85 0.49
N LYS A 255 -6.27 -21.05 -0.25
CA LYS A 255 -4.93 -20.80 -0.49
C LYS A 255 -4.84 -19.34 -0.90
N SER A 256 -3.80 -18.76 -0.09
CA SER A 256 -3.33 -17.50 -0.64
C SER A 256 -4.37 -16.87 -1.50
N THR A 257 -5.40 -16.57 -0.66
CA THR A 257 -6.42 -16.01 -1.55
C THR A 257 -6.87 -14.51 -1.49
N LYS A 258 -5.90 -13.62 -1.30
CA LYS A 258 -6.01 -12.18 -1.53
C LYS A 258 -6.78 -11.56 -0.39
N SER A 259 -6.94 -12.31 0.66
CA SER A 259 -7.37 -11.68 1.92
C SER A 259 -6.50 -11.23 3.09
N THR A 260 -7.08 -10.53 4.07
CA THR A 260 -6.22 -10.18 5.15
C THR A 260 -6.99 -9.53 6.27
N VAL A 261 -6.33 -9.19 7.37
CA VAL A 261 -6.96 -8.50 8.43
C VAL A 261 -6.23 -7.18 8.64
N LEU A 262 -6.97 -6.14 8.93
CA LEU A 262 -6.40 -4.84 9.26
C LEU A 262 -6.86 -4.48 10.65
N LYS A 263 -5.95 -3.98 11.47
CA LYS A 263 -6.27 -3.58 12.84
C LYS A 263 -6.28 -2.06 12.77
N SER A 264 -7.48 -1.50 12.61
CA SER A 264 -7.63 -0.05 12.54
C SER A 264 -8.79 0.29 13.47
N ASP A 265 -9.01 1.58 13.67
CA ASP A 265 -10.09 2.04 14.54
C ASP A 265 -11.08 3.00 13.91
N LYS A 266 -10.72 3.44 12.71
CA LYS A 266 -11.46 4.36 11.85
C LYS A 266 -12.78 3.88 11.30
N ARG A 267 -13.78 4.75 11.17
CA ARG A 267 -15.10 4.29 10.75
C ARG A 267 -15.14 4.01 9.25
N ILE A 268 -15.93 3.02 8.86
CA ILE A 268 -16.04 2.65 7.47
C ILE A 268 -16.92 3.71 6.82
N GLY A 269 -16.40 4.35 5.78
CA GLY A 269 -17.13 5.43 5.17
C GLY A 269 -17.97 4.95 4.02
N SER A 270 -18.19 5.85 3.07
CA SER A 270 -18.90 5.56 1.83
C SER A 270 -18.04 5.99 0.65
N CYS A 271 -16.78 6.33 0.96
CA CYS A 271 -15.82 6.71 -0.06
C CYS A 271 -15.35 5.51 -0.89
N THR A 272 -14.62 5.82 -1.96
CA THR A 272 -14.03 4.79 -2.82
C THR A 272 -12.51 4.95 -2.88
N SER A 273 -11.78 3.86 -2.63
CA SER A 273 -10.32 3.87 -2.71
C SER A 273 -9.78 2.47 -2.71
N PRO A 274 -8.77 2.19 -3.56
CA PRO A 274 -8.24 0.83 -3.70
C PRO A 274 -7.10 0.59 -2.72
N CYS A 275 -6.91 1.50 -1.78
CA CYS A 275 -5.80 1.40 -0.84
C CYS A 275 -6.15 1.74 0.61
N LEU A 276 -6.11 0.76 1.51
CA LEU A 276 -6.45 1.01 2.91
C LEU A 276 -5.24 0.97 3.84
N THR A 277 -5.18 1.92 4.77
CA THR A 277 -4.19 1.83 5.83
C THR A 277 -4.90 1.82 7.18
N ASP A 278 -4.16 1.60 8.24
CA ASP A 278 -4.73 1.64 9.57
C ASP A 278 -5.15 3.06 9.89
N LYS A 279 -4.64 4.02 9.10
CA LYS A 279 -4.94 5.43 9.35
C LYS A 279 -6.07 5.98 8.47
N GLY A 280 -6.60 5.17 7.56
CA GLY A 280 -7.60 5.64 6.63
C GLY A 280 -7.20 5.28 5.22
N SER A 281 -7.94 5.77 4.25
CA SER A 281 -7.71 5.36 2.87
C SER A 281 -6.87 6.36 2.12
N ILE A 282 -6.16 5.87 1.11
CA ILE A 282 -5.31 6.71 0.29
C ILE A 282 -5.91 6.80 -1.09
N GLN A 283 -6.19 8.04 -1.52
CA GLN A 283 -6.70 8.29 -2.85
C GLN A 283 -5.69 9.16 -3.55
N SER A 284 -4.80 8.52 -4.31
CA SER A 284 -3.67 9.24 -4.88
C SER A 284 -3.15 8.57 -6.12
N ASP A 285 -2.51 9.34 -7.00
CA ASP A 285 -1.83 8.78 -8.14
C ASP A 285 -0.31 8.84 -7.92
N LYS A 286 0.10 9.26 -6.72
CA LYS A 286 1.51 9.38 -6.38
C LYS A 286 2.20 8.04 -6.18
N PRO A 287 3.48 7.95 -6.55
CA PRO A 287 4.23 6.69 -6.47
C PRO A 287 4.54 6.28 -5.04
N PHE A 288 4.73 7.26 -4.15
CA PHE A 288 5.18 6.98 -2.78
C PHE A 288 4.22 7.53 -1.73
N GLN A 289 4.42 7.16 -0.47
CA GLN A 289 3.54 7.61 0.60
C GLN A 289 4.16 7.59 2.00
N ASN A 290 3.68 8.51 2.82
CA ASN A 290 4.16 8.89 4.16
C ASN A 290 3.25 8.32 5.24
N VAL A 291 2.07 7.88 4.81
CA VAL A 291 0.94 7.65 5.72
C VAL A 291 1.16 6.45 6.65
N SER A 292 1.49 5.28 6.12
CA SER A 292 1.67 4.12 6.99
C SER A 292 2.40 2.97 6.31
N ARG A 293 3.21 2.25 7.08
CA ARG A 293 3.83 1.03 6.58
C ARG A 293 2.75 -0.02 6.35
N ILE A 294 1.64 0.12 7.05
CA ILE A 294 0.49 -0.78 6.92
C ILE A 294 -0.43 -0.31 5.78
N ALA A 295 -0.27 -0.94 4.62
CA ALA A 295 -0.95 -0.50 3.43
C ALA A 295 -1.43 -1.71 2.67
N ILE A 296 -2.74 -1.81 2.51
CA ILE A 296 -3.35 -2.98 1.89
C ILE A 296 -4.04 -2.59 0.58
N GLY A 297 -3.72 -3.30 -0.48
CA GLY A 297 -4.33 -3.02 -1.76
C GLY A 297 -3.37 -2.38 -2.74
N ASN A 298 -3.93 -1.60 -3.66
CA ASN A 298 -3.12 -0.92 -4.66
C ASN A 298 -2.67 0.45 -4.16
N CYS A 299 -1.46 0.49 -3.61
CA CYS A 299 -0.99 1.61 -2.83
C CYS A 299 0.34 2.17 -3.35
N PRO A 300 0.58 3.45 -3.07
CA PRO A 300 1.92 4.03 -3.20
C PRO A 300 2.84 3.33 -2.22
N LYS A 301 4.11 3.16 -2.56
CA LYS A 301 5.03 2.50 -1.66
C LYS A 301 5.41 3.41 -0.51
N TYR A 302 5.42 2.85 0.69
CA TYR A 302 5.75 3.62 1.88
C TYR A 302 7.21 4.05 1.88
N VAL A 303 7.45 5.32 2.17
CA VAL A 303 8.81 5.81 2.32
C VAL A 303 8.89 6.64 3.58
N LYS A 304 10.10 7.04 3.95
CA LYS A 304 10.30 7.82 5.17
C LYS A 304 10.14 9.30 4.93
N GLN A 305 10.35 9.73 3.69
CA GLN A 305 10.36 11.16 3.38
C GLN A 305 8.94 11.71 3.37
N GLY A 306 8.77 12.95 3.81
CA GLY A 306 7.49 13.60 3.71
C GLY A 306 7.34 14.42 2.44
N SER A 307 8.42 14.53 1.65
CA SER A 307 8.35 15.23 0.38
C SER A 307 9.46 14.85 -0.60
N LEU A 308 9.06 14.56 -1.83
CA LEU A 308 10.01 14.37 -2.92
C LEU A 308 9.49 15.07 -4.17
N MET A 309 10.04 16.24 -4.49
CA MET A 309 9.51 17.01 -5.62
C MET A 309 10.16 16.61 -6.92
N LEU A 310 9.34 16.22 -7.89
CA LEU A 310 9.85 15.95 -9.22
C LEU A 310 9.73 17.21 -10.05
N ALA A 311 10.85 17.71 -10.56
CA ALA A 311 10.82 18.85 -11.47
C ALA A 311 10.04 18.51 -12.75
N THR A 312 9.20 19.44 -13.20
CA THR A 312 8.42 19.25 -14.42
C THR A 312 8.54 20.45 -15.31
N GLY A 313 9.53 21.29 -15.03
CA GLY A 313 9.81 22.46 -15.84
C GLY A 313 11.27 22.85 -15.75
N MET A 314 11.67 23.80 -16.59
CA MET A 314 13.04 24.26 -16.63
C MET A 314 13.39 25.09 -15.38
N ARG A 315 14.66 25.45 -15.24
CA ARG A 315 15.08 26.34 -14.16
C ARG A 315 14.32 27.66 -14.23
N ASN A 316 13.91 28.17 -13.07
CA ASN A 316 13.17 29.44 -13.05
C ASN A 316 14.08 30.61 -12.74
N ILE A 317 14.25 31.49 -13.72
CA ILE A 317 15.11 32.69 -13.56
C ILE A 317 14.36 33.99 -13.88
N PRO A 318 13.58 34.50 -12.92
CA PRO A 318 12.73 35.66 -13.16
C PRO A 318 13.52 36.96 -13.22
N GLY A 319 14.70 36.99 -12.58
CA GLY A 319 15.46 38.21 -12.50
C GLY A 319 16.73 38.25 -13.32
N GLY B 1 23.04 24.04 -15.92
CA GLY B 1 22.85 22.94 -16.85
C GLY B 1 24.06 22.70 -17.75
N LEU B 2 24.17 21.48 -18.26
CA LEU B 2 25.31 21.07 -19.09
C LEU B 2 25.56 21.94 -20.31
N PHE B 3 24.52 22.62 -20.81
CA PHE B 3 24.68 23.40 -22.02
C PHE B 3 24.96 24.89 -21.81
N GLY B 4 24.75 25.37 -20.59
CA GLY B 4 25.03 26.77 -20.28
C GLY B 4 24.13 27.78 -20.99
N ALA B 5 22.99 27.32 -21.48
CA ALA B 5 22.04 28.23 -22.12
C ALA B 5 20.98 28.86 -21.20
N ILE B 6 20.30 28.03 -20.41
CA ILE B 6 19.35 28.55 -19.43
C ILE B 6 20.22 28.75 -18.20
N ALA B 7 19.98 29.84 -17.48
CA ALA B 7 20.85 30.24 -16.38
C ALA B 7 22.29 30.38 -16.85
N GLY B 8 22.47 30.59 -18.14
CA GLY B 8 23.77 30.70 -18.76
C GLY B 8 23.90 31.93 -19.66
N PHE B 9 24.23 31.73 -20.93
CA PHE B 9 24.39 32.86 -21.86
C PHE B 9 23.06 33.56 -22.15
N ILE B 10 21.95 32.91 -21.82
CA ILE B 10 20.66 33.58 -21.75
C ILE B 10 20.54 34.12 -20.34
N GLU B 11 20.57 35.43 -20.22
CA GLU B 11 20.65 36.06 -18.90
C GLU B 11 19.49 35.74 -17.94
N ASN B 12 18.28 35.62 -18.46
CA ASN B 12 17.13 35.24 -17.65
C ASN B 12 15.92 34.88 -18.50
N GLY B 13 14.81 34.53 -17.86
CA GLY B 13 13.61 34.16 -18.58
C GLY B 13 12.60 35.30 -18.74
N TRP B 14 11.53 35.03 -19.48
CA TRP B 14 10.54 36.04 -19.79
C TRP B 14 9.21 35.72 -19.12
N GLN B 15 8.89 36.41 -18.04
CA GLN B 15 7.60 36.21 -17.37
C GLN B 15 6.44 36.50 -18.31
N GLY B 16 6.72 37.19 -19.41
CA GLY B 16 5.68 37.56 -20.34
C GLY B 16 5.38 36.49 -21.37
N LEU B 17 6.31 35.56 -21.53
CA LEU B 17 6.14 34.44 -22.44
C LEU B 17 5.15 33.44 -21.83
N ILE B 18 3.86 33.65 -22.04
CA ILE B 18 2.88 32.82 -21.35
C ILE B 18 2.17 31.83 -22.22
N ASP B 19 2.60 31.69 -23.47
CA ASP B 19 1.92 30.77 -24.36
C ASP B 19 2.91 29.80 -25.00
N GLY B 20 4.09 29.71 -24.39
CA GLY B 20 5.08 28.71 -24.75
C GLY B 20 6.18 28.69 -23.71
N TRP B 21 7.14 27.79 -23.90
CA TRP B 21 8.26 27.63 -22.99
C TRP B 21 9.49 28.32 -23.55
N TYR B 22 9.58 28.36 -24.87
CA TYR B 22 10.69 29.03 -25.54
C TYR B 22 10.13 29.99 -26.58
N GLY B 23 10.87 31.04 -26.93
CA GLY B 23 10.38 31.91 -27.98
C GLY B 23 11.35 32.90 -28.57
N PHE B 24 10.85 33.64 -29.58
CA PHE B 24 11.59 34.69 -30.23
C PHE B 24 11.14 36.07 -29.76
N ARG B 25 12.09 36.97 -29.52
CA ARG B 25 11.78 38.38 -29.34
C ARG B 25 12.63 39.17 -30.31
N HIS B 26 11.99 39.95 -31.17
CA HIS B 26 12.71 40.62 -32.24
C HIS B 26 12.57 42.12 -32.14
N GLN B 27 13.49 42.81 -32.79
CA GLN B 27 13.42 44.24 -32.95
C GLN B 27 13.64 44.54 -34.43
N ASN B 28 12.72 45.25 -35.06
CA ASN B 28 12.93 45.65 -36.45
C ASN B 28 12.31 46.99 -36.73
N ALA B 29 12.32 47.40 -38.00
CA ALA B 29 11.93 48.74 -38.38
C ALA B 29 10.51 49.11 -38.01
N GLU B 30 9.69 48.08 -37.78
CA GLU B 30 8.26 48.28 -37.51
C GLU B 30 7.95 48.26 -36.01
N GLY B 31 8.94 47.89 -35.21
CA GLY B 31 8.76 47.76 -33.78
C GLY B 31 9.32 46.47 -33.20
N THR B 32 8.63 45.92 -32.22
CA THR B 32 9.12 44.75 -31.53
C THR B 32 7.98 43.77 -31.34
N GLY B 33 8.30 42.53 -31.01
CA GLY B 33 7.29 41.53 -30.74
C GLY B 33 7.86 40.27 -30.13
N THR B 34 7.04 39.55 -29.36
CA THR B 34 7.41 38.24 -28.86
C THR B 34 6.45 37.16 -29.39
N ALA B 35 6.99 35.99 -29.71
CA ALA B 35 6.18 34.85 -30.10
C ALA B 35 6.78 33.55 -29.56
N ALA B 36 5.95 32.57 -29.24
CA ALA B 36 6.45 31.29 -28.76
C ALA B 36 6.93 30.42 -29.92
N ASP B 37 7.92 29.57 -29.65
CA ASP B 37 8.32 28.54 -30.60
C ASP B 37 7.67 27.21 -30.22
N LEU B 38 6.85 26.66 -31.11
CA LEU B 38 6.09 25.45 -30.81
C LEU B 38 6.94 24.18 -30.75
N LYS B 39 7.77 23.95 -31.77
CA LYS B 39 8.60 22.76 -31.83
C LYS B 39 9.45 22.56 -30.58
N SER B 40 10.17 23.60 -30.18
CA SER B 40 11.06 23.47 -29.03
C SER B 40 10.26 23.29 -27.75
N THR B 41 9.15 24.01 -27.65
CA THR B 41 8.27 23.91 -26.48
C THR B 41 7.71 22.51 -26.37
N GLN B 42 7.24 21.97 -27.49
CA GLN B 42 6.64 20.65 -27.52
C GLN B 42 7.65 19.55 -27.21
N ALA B 43 8.88 19.70 -27.71
CA ALA B 43 9.89 18.68 -27.46
C ALA B 43 10.16 18.56 -25.96
N ALA B 44 10.32 19.70 -25.31
CA ALA B 44 10.52 19.73 -23.88
C ALA B 44 9.34 19.10 -23.15
N ILE B 45 8.14 19.62 -23.40
CA ILE B 45 6.93 19.13 -22.75
C ILE B 45 6.75 17.62 -22.93
N ASP B 46 6.94 17.14 -24.15
CA ASP B 46 6.83 15.71 -24.45
C ASP B 46 7.76 14.88 -23.57
N GLN B 47 9.02 15.29 -23.46
CA GLN B 47 9.95 14.49 -22.70
C GLN B 47 9.61 14.46 -21.21
N ILE B 48 9.13 15.61 -20.70
CA ILE B 48 8.73 15.75 -19.29
C ILE B 48 7.46 14.94 -19.03
N ASN B 49 6.53 14.98 -19.97
CA ASN B 49 5.31 14.21 -19.83
C ASN B 49 5.65 12.74 -19.96
N GLY B 50 6.49 12.45 -20.94
CA GLY B 50 6.96 11.10 -21.11
C GLY B 50 7.49 10.52 -19.82
N LYS B 51 8.31 11.26 -19.08
CA LYS B 51 8.91 10.67 -17.91
C LYS B 51 7.95 10.67 -16.74
N LEU B 52 6.93 11.51 -16.82
CA LEU B 52 5.88 11.57 -15.83
C LEU B 52 4.96 10.35 -15.92
N ASN B 53 4.60 9.98 -17.14
CA ASN B 53 3.80 8.78 -17.37
C ASN B 53 4.54 7.52 -16.92
N ARG B 54 5.84 7.54 -17.11
CA ARG B 54 6.67 6.42 -16.76
C ARG B 54 6.67 6.20 -15.26
N LEU B 55 6.55 7.28 -14.51
CA LEU B 55 6.69 7.20 -13.06
C LEU B 55 5.40 6.80 -12.34
N ILE B 56 4.25 7.01 -12.96
CA ILE B 56 2.99 6.75 -12.26
C ILE B 56 2.56 5.30 -12.31
N GLU B 57 2.79 4.63 -13.44
CA GLU B 57 2.33 3.25 -13.63
C GLU B 57 2.16 2.50 -12.30
N LYS B 58 0.91 2.18 -11.95
CA LYS B 58 0.60 1.57 -10.65
C LYS B 58 0.90 0.07 -10.60
N THR B 59 2.00 -0.24 -9.97
CA THR B 59 2.45 -1.59 -9.97
C THR B 59 2.60 -2.22 -8.60
N ASN B 60 2.24 -1.51 -7.54
CA ASN B 60 2.37 -2.01 -6.18
C ASN B 60 1.04 -2.46 -5.59
N GLU B 61 0.76 -3.75 -5.62
CA GLU B 61 -0.52 -4.24 -5.09
C GLU B 61 -0.38 -5.44 -4.14
N LYS B 62 -0.53 -5.17 -2.85
CA LYS B 62 -0.23 -6.13 -1.80
C LYS B 62 -1.41 -6.33 -0.85
N TYR B 63 -1.70 -7.58 -0.53
CA TYR B 63 -2.78 -7.88 0.39
C TYR B 63 -2.25 -8.47 1.70
N HIS B 64 -2.42 -9.78 1.92
CA HIS B 64 -1.83 -10.33 3.13
C HIS B 64 -0.30 -10.25 3.06
N GLN B 65 0.31 -9.70 4.11
CA GLN B 65 1.74 -9.46 4.13
C GLN B 65 2.36 -10.03 5.41
N ILE B 66 2.64 -9.13 6.34
CA ILE B 66 3.08 -9.52 7.66
C ILE B 66 2.64 -8.41 8.59
N GLU B 67 2.49 -8.73 9.87
CA GLU B 67 2.20 -7.69 10.85
C GLU B 67 3.36 -6.71 10.91
N LYS B 68 3.06 -5.46 11.22
CA LYS B 68 4.11 -4.47 11.28
C LYS B 68 4.06 -3.68 12.58
N GLU B 69 3.14 -4.07 13.45
CA GLU B 69 2.97 -3.41 14.74
C GLU B 69 2.67 -4.48 15.77
N PHE B 70 3.16 -4.30 16.99
CA PHE B 70 3.16 -5.36 17.99
C PHE B 70 2.76 -4.88 19.38
N GLU B 71 2.03 -5.74 20.10
CA GLU B 71 1.49 -5.40 21.42
C GLU B 71 2.31 -5.97 22.58
N GLN B 72 3.24 -6.86 22.29
CA GLN B 72 4.05 -7.46 23.35
C GLN B 72 5.41 -7.93 22.81
N VAL B 73 6.43 -7.82 23.64
CA VAL B 73 7.73 -8.37 23.27
C VAL B 73 7.83 -9.90 23.17
N GLU B 74 8.32 -10.39 22.04
CA GLU B 74 8.41 -11.81 21.75
C GLU B 74 9.81 -12.37 21.52
N GLY B 75 10.78 -11.50 21.21
CA GLY B 75 12.13 -11.92 20.90
C GLY B 75 12.36 -12.26 19.43
N ARG B 76 12.86 -13.48 19.18
CA ARG B 76 13.45 -13.85 17.87
C ARG B 76 12.62 -13.57 16.60
N ILE B 77 11.42 -14.12 16.52
CA ILE B 77 10.58 -13.98 15.32
C ILE B 77 10.22 -12.54 15.07
N GLN B 78 9.81 -11.83 16.12
CA GLN B 78 9.45 -10.43 16.00
C GLN B 78 10.63 -9.58 15.52
N ASP B 79 11.82 -9.81 16.09
CA ASP B 79 13.01 -9.09 15.65
C ASP B 79 13.14 -9.19 14.13
N LEU B 80 12.89 -10.40 13.61
CA LEU B 80 13.00 -10.67 12.18
C LEU B 80 11.97 -9.89 11.35
N GLU B 81 10.71 -9.97 11.79
CA GLU B 81 9.62 -9.29 11.11
C GLU B 81 9.89 -7.78 11.08
N LYS B 82 10.35 -7.25 12.20
CA LYS B 82 10.67 -5.83 12.26
C LYS B 82 11.85 -5.48 11.36
N TYR B 83 12.92 -6.27 11.44
CA TYR B 83 14.12 -6.06 10.63
C TYR B 83 13.78 -6.14 9.14
N VAL B 84 12.97 -7.12 8.76
CA VAL B 84 12.64 -7.26 7.34
C VAL B 84 11.96 -5.99 6.86
N GLU B 85 11.00 -5.49 7.64
CA GLU B 85 10.23 -4.33 7.24
C GLU B 85 11.11 -3.08 7.18
N ASP B 86 11.99 -2.94 8.17
CA ASP B 86 12.88 -1.79 8.23
C ASP B 86 13.88 -1.82 7.07
N THR B 87 14.34 -3.02 6.71
CA THR B 87 15.22 -3.17 5.57
C THR B 87 14.52 -2.68 4.31
N LYS B 88 13.29 -3.15 4.10
CA LYS B 88 12.55 -2.80 2.90
C LYS B 88 12.31 -1.30 2.82
N ILE B 89 11.92 -0.70 3.94
CA ILE B 89 11.62 0.72 3.92
C ILE B 89 12.86 1.57 3.59
N ASP B 90 14.00 1.20 4.15
CA ASP B 90 15.22 1.93 3.89
C ASP B 90 15.58 1.86 2.41
N LEU B 91 15.39 0.70 1.82
CA LEU B 91 15.76 0.50 0.42
C LEU B 91 14.82 1.26 -0.51
N TRP B 92 13.54 1.29 -0.18
CA TRP B 92 12.59 2.05 -0.99
C TRP B 92 12.74 3.56 -0.84
N SER B 93 13.04 4.02 0.37
CA SER B 93 13.28 5.44 0.61
C SER B 93 14.50 5.87 -0.18
N TYR B 94 15.51 5.00 -0.20
CA TYR B 94 16.72 5.29 -0.95
C TYR B 94 16.43 5.38 -2.44
N ASN B 95 15.74 4.35 -2.97
CA ASN B 95 15.37 4.34 -4.38
C ASN B 95 14.64 5.63 -4.73
N ALA B 96 13.74 6.08 -3.85
CA ALA B 96 12.94 7.27 -4.12
C ALA B 96 13.79 8.56 -4.16
N GLU B 97 14.69 8.71 -3.19
CA GLU B 97 15.58 9.87 -3.12
C GLU B 97 16.47 9.96 -4.36
N LEU B 98 17.01 8.82 -4.80
CA LEU B 98 17.91 8.81 -5.94
C LEU B 98 17.15 9.03 -7.25
N LEU B 99 15.92 8.54 -7.30
CA LEU B 99 15.10 8.65 -8.49
C LEU B 99 14.80 10.12 -8.78
N VAL B 100 14.42 10.84 -7.73
CA VAL B 100 14.03 12.22 -7.90
C VAL B 100 15.22 13.07 -8.30
N ALA B 101 16.29 12.97 -7.50
CA ALA B 101 17.51 13.74 -7.73
C ALA B 101 18.02 13.54 -9.15
N LEU B 102 18.05 12.29 -9.58
CA LEU B 102 18.39 11.96 -10.96
C LEU B 102 17.28 12.27 -11.97
N GLU B 103 16.04 12.44 -11.50
CA GLU B 103 14.95 12.70 -12.41
C GLU B 103 14.85 14.21 -12.48
N ASN B 104 15.69 14.88 -11.69
CA ASN B 104 15.67 16.33 -11.73
C ASN B 104 16.90 16.86 -12.45
N GLN B 105 18.04 16.21 -12.22
CA GLN B 105 19.27 16.58 -12.89
C GLN B 105 19.06 16.51 -14.41
N HIS B 106 18.48 15.39 -14.85
CA HIS B 106 18.25 15.14 -16.27
C HIS B 106 17.25 16.12 -16.88
N THR B 107 16.17 16.39 -16.17
CA THR B 107 15.11 17.24 -16.68
C THR B 107 15.65 18.65 -16.91
N ILE B 108 16.41 19.15 -15.95
CA ILE B 108 16.98 20.46 -16.08
C ILE B 108 18.00 20.52 -17.21
N ASP B 109 18.71 19.42 -17.46
CA ASP B 109 19.63 19.37 -18.58
C ASP B 109 18.89 19.29 -19.90
N VAL B 110 17.75 18.62 -19.89
CA VAL B 110 16.94 18.48 -21.11
C VAL B 110 16.40 19.84 -21.54
N THR B 111 15.94 20.61 -20.56
CA THR B 111 15.34 21.89 -20.81
C THR B 111 16.42 22.84 -21.27
N ASP B 112 17.59 22.76 -20.66
CA ASP B 112 18.74 23.55 -21.08
C ASP B 112 19.10 23.17 -22.52
N SER B 113 19.13 21.85 -22.78
CA SER B 113 19.40 21.34 -24.10
C SER B 113 18.47 21.90 -25.18
N GLU B 114 17.17 21.81 -24.95
CA GLU B 114 16.18 22.27 -25.91
C GLU B 114 16.32 23.76 -26.20
N MET B 115 16.62 24.55 -25.16
CA MET B 115 16.88 25.97 -25.34
C MET B 115 18.02 26.16 -26.33
N ASN B 116 19.08 25.39 -26.14
CA ASN B 116 20.25 25.43 -27.00
C ASN B 116 19.98 25.00 -28.45
N LYS B 117 19.14 23.98 -28.63
CA LYS B 117 18.81 23.48 -29.96
C LYS B 117 18.08 24.55 -30.76
N LEU B 118 17.16 25.26 -30.10
CA LEU B 118 16.47 26.38 -30.72
C LEU B 118 17.47 27.44 -31.17
N PHE B 119 18.29 27.91 -30.24
CA PHE B 119 19.35 28.85 -30.59
C PHE B 119 20.16 28.37 -31.80
N GLU B 120 20.59 27.12 -31.79
CA GLU B 120 21.43 26.60 -32.87
C GLU B 120 20.69 26.48 -34.20
N ARG B 121 19.40 26.13 -34.14
CA ARG B 121 18.58 26.06 -35.34
C ARG B 121 18.55 27.43 -36.01
N VAL B 122 18.29 28.46 -35.22
CA VAL B 122 18.24 29.82 -35.74
C VAL B 122 19.61 30.23 -36.25
N ARG B 123 20.66 29.84 -35.54
CA ARG B 123 22.02 30.18 -35.95
C ARG B 123 22.23 29.70 -37.37
N ARG B 124 21.69 28.53 -37.68
CA ARG B 124 21.95 27.87 -38.95
C ARG B 124 21.08 28.41 -40.09
N GLN B 125 19.89 28.88 -39.75
CA GLN B 125 19.02 29.52 -40.73
C GLN B 125 19.66 30.81 -41.28
N LEU B 126 20.34 31.53 -40.41
CA LEU B 126 20.79 32.87 -40.73
C LEU B 126 22.11 32.91 -41.49
N ARG B 127 22.89 31.82 -41.42
CA ARG B 127 24.15 31.74 -42.16
C ARG B 127 25.06 32.93 -41.86
N GLU B 128 25.55 33.60 -42.90
CA GLU B 128 26.47 34.74 -42.72
C GLU B 128 25.71 36.05 -42.65
N ASN B 129 24.39 35.96 -42.48
CA ASN B 129 23.56 37.15 -42.41
C ASN B 129 23.43 37.72 -41.00
N ALA B 130 23.96 37.00 -40.02
CA ALA B 130 23.79 37.46 -38.65
C ALA B 130 25.01 37.16 -37.82
N GLU B 131 25.09 37.79 -36.66
CA GLU B 131 26.19 37.52 -35.74
C GLU B 131 25.64 37.29 -34.32
N ASP B 132 26.24 36.35 -33.61
CA ASP B 132 25.85 36.02 -32.25
C ASP B 132 26.30 37.17 -31.33
N GLN B 133 25.33 37.83 -30.71
CA GLN B 133 25.62 38.92 -29.78
C GLN B 133 26.04 38.45 -28.38
N GLY B 134 26.03 37.14 -28.16
CA GLY B 134 26.53 36.59 -26.92
C GLY B 134 25.49 36.36 -25.83
N ASN B 135 24.29 36.89 -26.04
CA ASN B 135 23.26 36.88 -25.01
C ASN B 135 22.01 36.19 -25.48
N GLY B 136 22.14 35.29 -26.45
CA GLY B 136 20.97 34.64 -27.01
C GLY B 136 20.38 35.36 -28.20
N CYS B 137 20.91 36.54 -28.51
CA CYS B 137 20.42 37.34 -29.61
C CYS B 137 21.33 37.29 -30.83
N PHE B 138 20.73 37.34 -32.01
CA PHE B 138 21.50 37.58 -33.23
C PHE B 138 21.27 38.98 -33.71
N GLU B 139 22.35 39.65 -34.13
CA GLU B 139 22.22 40.86 -34.91
C GLU B 139 22.07 40.44 -36.36
N ILE B 140 21.04 40.94 -37.01
CA ILE B 140 20.75 40.59 -38.38
C ILE B 140 21.17 41.76 -39.25
N PHE B 141 22.17 41.54 -40.11
CA PHE B 141 22.81 42.64 -40.83
C PHE B 141 22.10 43.04 -42.13
N HIS B 142 20.77 43.01 -42.13
CA HIS B 142 19.99 43.49 -43.25
C HIS B 142 18.61 43.92 -42.75
N GLN B 143 17.88 44.69 -43.55
CA GLN B 143 16.50 45.03 -43.19
C GLN B 143 15.68 43.75 -43.12
N CYS B 144 14.83 43.66 -42.11
CA CYS B 144 14.05 42.45 -41.90
C CYS B 144 12.67 42.83 -41.38
N ASP B 145 11.73 43.05 -42.28
CA ASP B 145 10.40 43.47 -41.86
C ASP B 145 9.66 42.33 -41.16
N ASN B 146 8.43 42.59 -40.75
CA ASN B 146 7.66 41.60 -40.01
C ASN B 146 7.55 40.27 -40.73
N ASN B 147 7.40 40.30 -42.06
CA ASN B 147 7.30 39.06 -42.83
C ASN B 147 8.60 38.29 -42.78
N CYS B 148 9.71 39.02 -42.84
CA CYS B 148 11.01 38.38 -42.83
C CYS B 148 11.24 37.77 -41.43
N ILE B 149 10.87 38.51 -40.37
CA ILE B 149 10.97 37.96 -39.01
C ILE B 149 10.20 36.65 -38.87
N GLU B 150 8.95 36.64 -39.31
CA GLU B 150 8.16 35.43 -39.24
C GLU B 150 8.78 34.31 -40.09
N SER B 151 9.48 34.68 -41.16
CA SER B 151 10.09 33.68 -42.01
C SER B 151 11.24 32.99 -41.26
N ILE B 152 11.82 33.69 -40.30
CA ILE B 152 12.83 33.09 -39.45
C ILE B 152 12.11 32.17 -38.47
N ARG B 153 11.09 32.70 -37.81
CA ARG B 153 10.31 31.91 -36.85
C ARG B 153 9.61 30.67 -37.43
N ASN B 154 9.24 30.69 -38.72
CA ASN B 154 8.55 29.55 -39.30
C ASN B 154 9.42 28.69 -40.19
N GLY B 155 10.70 29.04 -40.24
CA GLY B 155 11.69 28.22 -40.92
C GLY B 155 11.67 28.25 -42.44
N THR B 156 11.24 29.36 -43.04
CA THR B 156 11.21 29.48 -44.50
C THR B 156 12.19 30.53 -44.98
N TYR B 157 12.83 31.21 -44.03
CA TYR B 157 13.85 32.20 -44.34
C TYR B 157 14.97 31.63 -45.22
N ASP B 158 15.17 32.23 -46.40
CA ASP B 158 16.25 31.86 -47.33
C ASP B 158 17.41 32.87 -47.24
N HIS B 159 18.52 32.44 -46.64
CA HIS B 159 19.65 33.34 -46.41
C HIS B 159 20.25 33.92 -47.68
N ASN B 160 20.09 33.20 -48.80
CA ASN B 160 20.61 33.65 -50.10
C ASN B 160 20.02 34.98 -50.55
N ILE B 161 18.81 35.26 -50.10
CA ILE B 161 18.09 36.46 -50.52
C ILE B 161 18.76 37.74 -50.03
N TYR B 162 19.24 37.71 -48.80
CA TYR B 162 19.86 38.88 -48.17
C TYR B 162 21.38 38.81 -48.08
N ARG B 163 21.98 37.73 -48.57
CA ARG B 163 23.40 37.50 -48.37
C ARG B 163 24.29 38.68 -48.79
N ASP B 164 24.06 39.24 -49.98
CA ASP B 164 24.89 40.35 -50.43
C ASP B 164 24.73 41.59 -49.55
N GLU B 165 23.50 41.99 -49.28
CA GLU B 165 23.25 43.07 -48.33
C GLU B 165 23.99 42.82 -47.01
N ALA B 166 23.75 41.66 -46.40
CA ALA B 166 24.29 41.39 -45.06
C ALA B 166 25.82 41.32 -45.00
N ILE B 167 26.42 40.59 -45.93
CA ILE B 167 27.87 40.49 -45.96
C ILE B 167 28.50 41.85 -46.15
N ASN B 168 27.95 42.65 -47.05
CA ASN B 168 28.44 44.02 -47.19
C ASN B 168 28.38 44.80 -45.88
N ASN B 169 27.27 44.69 -45.14
CA ASN B 169 27.11 45.42 -43.89
C ASN B 169 28.06 44.98 -42.79
N ARG B 170 28.47 43.72 -42.83
CA ARG B 170 29.30 43.18 -41.76
C ARG B 170 30.75 43.56 -41.96
N ILE B 171 31.19 43.39 -43.20
CA ILE B 171 32.59 43.50 -43.61
C ILE B 171 33.04 44.95 -43.81
N LYS B 172 32.10 45.87 -43.78
CA LYS B 172 32.43 47.26 -43.99
C LYS B 172 31.63 48.14 -43.06
#